data_1SBR
#
_entry.id   1SBR
#
_cell.length_a   58.820
_cell.length_b   82.490
_cell.length_c   86.110
_cell.angle_alpha   90.00
_cell.angle_beta   90.00
_cell.angle_gamma   90.00
#
_symmetry.space_group_name_H-M   'P 21 21 21'
#
loop_
_entity.id
_entity.type
_entity.pdbx_description
1 polymer ykoF
2 non-polymer 'CALCIUM ION'
3 non-polymer 3-(4-AMINO-2-METHYL-PYRIMIDIN-5-YLMETHYL)-5-(2-HYDROXY-ETHYL)-4-METHYL-THIAZOL-3-IUM
4 water water
#
_entity_poly.entity_id   1
_entity_poly.type   'polypeptide(L)'
_entity_poly.pdbx_seq_one_letter_code
;MEHICGTSRIAGFRFSLYP(MSE)TDDFISVIKSALAATDTSKVWTKTDHISTVLRGSIDHVFDAAKAIYLHAANSEQHI
V(MSE)NGTFSIGCPGDTQGDTYLSKGDKRVNEDAVRGLKAEAPCQFALYP(MSE)NEPDY(MSE)GLI(MSE)EAVDIA
KAQGTFVQGVHYASELDGDAHDVFSTLEAVFR(MSE)AEQQTNHIT(MSE)TVNLSANSPSRKNRKQG
;
_entity_poly.pdbx_strand_id   A,B
#
# COMPACT_ATOMS: atom_id res chain seq x y z
N ARG A 9 2.36 0.52 -23.81
CA ARG A 9 1.75 0.69 -22.45
C ARG A 9 1.62 -0.69 -21.80
N ILE A 10 2.29 -0.86 -20.67
CA ILE A 10 2.43 -2.16 -20.01
C ILE A 10 1.98 -1.99 -18.60
N ALA A 11 1.06 -2.87 -18.19
CA ALA A 11 0.51 -2.85 -16.85
C ALA A 11 1.47 -3.55 -15.90
N GLY A 12 1.50 -3.09 -14.66
CA GLY A 12 2.35 -3.67 -13.64
C GLY A 12 1.55 -3.76 -12.36
N PHE A 13 1.85 -4.74 -11.53
CA PHE A 13 1.28 -4.83 -10.21
C PHE A 13 2.41 -5.24 -9.29
N ARG A 14 2.76 -4.36 -8.37
CA ARG A 14 3.75 -4.65 -7.37
C ARG A 14 2.97 -4.86 -6.10
N PHE A 15 3.08 -6.03 -5.49
CA PHE A 15 2.21 -6.30 -4.35
C PHE A 15 2.91 -7.20 -3.34
N SER A 16 2.38 -7.26 -2.11
CA SER A 16 2.80 -8.25 -1.12
C SER A 16 1.64 -9.09 -0.57
N LEU A 17 1.96 -10.30 -0.15
CA LEU A 17 1.00 -11.13 0.59
C LEU A 17 1.44 -11.15 2.04
N TYR A 18 0.49 -10.92 2.92
CA TYR A 18 0.76 -10.94 4.36
C TYR A 18 -0.11 -11.99 5.06
N PRO A 19 0.42 -13.19 5.25
CA PRO A 19 -0.28 -14.23 6.02
C PRO A 19 -0.14 -14.04 7.52
N THR A 21 -0.06 -15.65 10.18
CA THR A 21 0.10 -16.98 10.68
C THR A 21 1.59 -17.25 10.81
N ASP A 22 1.93 -18.30 11.57
CA ASP A 22 3.33 -18.73 11.70
C ASP A 22 3.83 -19.43 10.43
N ASP A 23 2.87 -20.00 9.71
CA ASP A 23 3.10 -20.76 8.48
C ASP A 23 3.15 -19.86 7.22
N PHE A 24 3.74 -18.66 7.32
CA PHE A 24 3.58 -17.65 6.27
C PHE A 24 4.45 -17.83 5.02
N ILE A 25 5.72 -18.24 5.18
CA ILE A 25 6.59 -18.45 4.05
C ILE A 25 5.91 -19.44 3.11
N SER A 26 5.48 -20.54 3.71
CA SER A 26 4.83 -21.60 2.99
C SER A 26 3.53 -21.12 2.35
N VAL A 27 2.83 -20.22 3.02
CA VAL A 27 1.62 -19.60 2.42
C VAL A 27 1.96 -18.73 1.20
N ILE A 28 2.96 -17.84 1.30
CA ILE A 28 3.36 -16.99 0.17
C ILE A 28 3.81 -17.90 -1.00
N LYS A 29 4.68 -18.87 -0.70
CA LYS A 29 5.25 -19.73 -1.75
C LYS A 29 4.14 -20.38 -2.59
N SER A 30 3.22 -21.01 -1.85
CA SER A 30 2.14 -21.80 -2.38
C SER A 30 1.22 -21.01 -3.31
N ALA A 31 0.83 -19.82 -2.90
CA ALA A 31 -0.07 -18.95 -3.69
C ALA A 31 0.52 -18.54 -5.04
N LEU A 32 1.85 -18.37 -5.08
CA LEU A 32 2.50 -17.92 -6.30
C LEU A 32 2.72 -19.08 -7.23
N ALA A 33 3.02 -20.23 -6.65
CA ALA A 33 3.28 -21.46 -7.42
C ALA A 33 1.98 -22.10 -7.92
N ALA A 34 0.90 -21.98 -7.14
CA ALA A 34 -0.43 -22.49 -7.54
C ALA A 34 -1.00 -21.77 -8.77
N THR A 35 -0.63 -20.52 -8.95
CA THR A 35 -1.16 -19.69 -10.02
C THR A 35 -0.47 -19.98 -11.32
N ASP A 36 -1.20 -19.76 -12.39
CA ASP A 36 -0.60 -19.85 -13.71
C ASP A 36 0.00 -18.47 -13.99
N THR A 37 1.31 -18.38 -13.83
CA THR A 37 1.99 -17.10 -14.01
C THR A 37 2.70 -16.98 -15.36
N SER A 38 2.24 -17.70 -16.37
CA SER A 38 2.98 -17.79 -17.65
C SER A 38 2.69 -16.65 -18.65
N LYS A 39 1.66 -15.83 -18.37
CA LYS A 39 1.36 -14.70 -19.21
C LYS A 39 1.79 -13.35 -18.61
N VAL A 40 2.57 -13.39 -17.53
CA VAL A 40 3.10 -12.19 -16.91
C VAL A 40 4.57 -12.46 -16.60
N TRP A 41 5.40 -11.42 -16.76
CA TRP A 41 6.74 -11.41 -16.22
C TRP A 41 6.66 -11.21 -14.71
N THR A 42 7.46 -11.95 -13.94
CA THR A 42 7.46 -11.77 -12.49
C THR A 42 8.84 -11.75 -11.87
N LYS A 43 8.89 -11.10 -10.72
CA LYS A 43 10.09 -10.97 -9.92
C LYS A 43 9.68 -10.80 -8.48
N THR A 44 10.17 -11.69 -7.64
CA THR A 44 9.83 -11.71 -6.26
C THR A 44 11.09 -11.31 -5.50
N ASP A 45 10.94 -10.44 -4.51
CA ASP A 45 12.07 -10.07 -3.64
C ASP A 45 11.67 -10.18 -2.17
N HIS A 46 12.54 -9.80 -1.24
CA HIS A 46 12.26 -9.98 0.19
C HIS A 46 11.10 -9.14 0.67
N ILE A 47 10.58 -8.28 -0.20
CA ILE A 47 9.52 -7.37 0.23
C ILE A 47 8.24 -7.54 -0.57
N SER A 48 8.33 -7.62 -1.89
CA SER A 48 7.16 -7.62 -2.76
C SER A 48 7.42 -8.41 -4.01
N THR A 49 6.36 -8.65 -4.77
CA THR A 49 6.43 -9.24 -6.11
C THR A 49 5.88 -8.24 -7.13
N VAL A 50 6.51 -8.21 -8.31
CA VAL A 50 6.00 -7.41 -9.39
C VAL A 50 5.54 -8.32 -10.52
N LEU A 51 4.36 -8.03 -11.05
CA LEU A 51 3.85 -8.68 -12.25
C LEU A 51 3.77 -7.63 -13.32
N ARG A 52 4.20 -7.98 -14.53
CA ARG A 52 4.19 -7.07 -15.67
C ARG A 52 3.69 -7.78 -16.93
N GLY A 53 2.69 -7.19 -17.56
CA GLY A 53 2.19 -7.73 -18.81
C GLY A 53 1.01 -6.90 -19.23
N SER A 54 0.07 -7.54 -19.93
CA SER A 54 -1.13 -6.86 -20.36
C SER A 54 -2.07 -6.69 -19.15
N ILE A 55 -3.09 -5.84 -19.30
CA ILE A 55 -4.04 -5.52 -18.23
C ILE A 55 -4.82 -6.75 -17.85
N ASP A 56 -5.28 -7.52 -18.84
CA ASP A 56 -6.00 -8.75 -18.57
C ASP A 56 -5.15 -9.74 -17.84
N HIS A 57 -3.89 -9.85 -18.23
CA HIS A 57 -2.95 -10.80 -17.68
C HIS A 57 -2.55 -10.40 -16.26
N VAL A 58 -2.36 -9.10 -16.04
CA VAL A 58 -1.97 -8.66 -14.69
C VAL A 58 -3.10 -8.87 -13.65
N PHE A 59 -4.33 -8.50 -14.03
CA PHE A 59 -5.49 -8.66 -13.13
C PHE A 59 -5.93 -10.10 -12.97
N ASP A 60 -5.86 -10.87 -14.06
CA ASP A 60 -6.13 -12.31 -14.06
C ASP A 60 -5.18 -13.03 -13.07
N ALA A 61 -3.88 -12.81 -13.23
CA ALA A 61 -2.90 -13.37 -12.28
C ALA A 61 -3.07 -12.87 -10.84
N ALA A 62 -3.26 -11.56 -10.68
CA ALA A 62 -3.51 -10.99 -9.35
C ALA A 62 -4.73 -11.66 -8.64
N LYS A 63 -5.84 -11.78 -9.37
CA LYS A 63 -7.01 -12.40 -8.76
C LYS A 63 -6.75 -13.85 -8.34
N ALA A 64 -6.02 -14.59 -9.17
CA ALA A 64 -5.77 -16.00 -8.93
C ALA A 64 -4.84 -16.16 -7.75
N ILE A 65 -3.82 -15.32 -7.67
CA ILE A 65 -3.01 -15.28 -6.43
C ILE A 65 -3.88 -15.03 -5.19
N TYR A 66 -4.80 -14.06 -5.28
CA TYR A 66 -5.62 -13.73 -4.12
C TYR A 66 -6.42 -14.97 -3.71
N LEU A 67 -7.15 -15.54 -4.67
CA LEU A 67 -7.93 -16.75 -4.45
C LEU A 67 -7.08 -17.87 -3.80
N HIS A 68 -5.89 -18.16 -4.34
CA HIS A 68 -5.10 -19.29 -3.84
C HIS A 68 -4.71 -19.01 -2.41
N ALA A 69 -4.21 -17.80 -2.15
CA ALA A 69 -3.82 -17.41 -0.81
C ALA A 69 -4.96 -17.49 0.21
N ALA A 70 -6.15 -17.03 -0.20
CA ALA A 70 -7.32 -17.03 0.65
C ALA A 70 -7.65 -18.48 1.03
N ASN A 71 -7.50 -19.38 0.07
CA ASN A 71 -7.89 -20.76 0.27
C ASN A 71 -6.90 -21.59 1.08
N SER A 72 -5.83 -20.97 1.54
CA SER A 72 -5.02 -21.52 2.62
C SER A 72 -5.85 -21.66 3.89
N GLU A 73 -7.05 -21.06 3.86
CA GLU A 73 -7.92 -20.86 5.03
C GLU A 73 -7.31 -20.01 6.18
N GLN A 74 -6.21 -19.31 5.88
CA GLN A 74 -5.58 -18.44 6.88
C GLN A 74 -5.95 -16.99 6.60
N HIS A 75 -5.92 -16.14 7.63
CA HIS A 75 -6.09 -14.72 7.42
C HIS A 75 -4.92 -14.18 6.62
N ILE A 76 -5.21 -13.73 5.40
CA ILE A 76 -4.18 -13.23 4.49
C ILE A 76 -4.57 -11.88 3.92
N VAL A 77 -3.59 -11.01 3.72
CA VAL A 77 -3.84 -9.78 3.02
C VAL A 77 -3.01 -9.73 1.74
N ASN A 79 -1.79 -6.63 -0.59
CA ASN A 79 -1.67 -5.18 -0.56
C ASN A 79 -0.65 -4.81 -1.64
N GLY A 80 -1.05 -3.93 -2.58
CA GLY A 80 -0.24 -3.59 -3.74
C GLY A 80 -0.70 -2.40 -4.59
N THR A 81 0.09 -2.16 -5.65
CA THR A 81 -0.07 -1.00 -6.50
C THR A 81 -0.10 -1.44 -7.96
N PHE A 82 -1.24 -1.19 -8.59
CA PHE A 82 -1.33 -1.33 -10.04
C PHE A 82 -0.75 -0.07 -10.66
N SER A 83 -0.10 -0.25 -11.79
CA SER A 83 0.52 0.86 -12.51
C SER A 83 0.47 0.65 -14.02
N ILE A 84 0.03 1.66 -14.75
CA ILE A 84 0.22 1.70 -16.21
C ILE A 84 0.64 3.11 -16.66
N GLY A 85 1.27 3.18 -17.84
CA GLY A 85 1.50 4.45 -18.54
C GLY A 85 2.63 5.33 -18.01
N CYS A 86 3.50 4.74 -17.20
CA CYS A 86 4.72 5.39 -16.70
C CYS A 86 5.56 5.85 -17.90
N PRO A 87 5.92 7.13 -17.93
CA PRO A 87 6.72 7.73 -19.01
C PRO A 87 8.06 7.03 -19.31
N GLY A 88 8.88 6.81 -18.28
CA GLY A 88 10.14 6.09 -18.41
C GLY A 88 9.98 4.59 -18.19
N ASP A 89 9.04 3.98 -18.93
CA ASP A 89 8.86 2.54 -18.88
C ASP A 89 9.66 1.80 -19.96
N THR A 90 10.56 0.95 -19.46
CA THR A 90 11.37 0.00 -20.24
C THR A 90 10.47 -0.96 -21.04
N GLN A 91 10.98 -1.45 -22.17
CA GLN A 91 10.18 -2.32 -23.04
C GLN A 91 10.28 -3.82 -22.67
N GLY A 92 11.34 -4.17 -21.94
CA GLY A 92 11.54 -5.53 -21.46
C GLY A 92 10.76 -5.79 -20.19
N ASP A 93 11.10 -6.90 -19.52
CA ASP A 93 10.43 -7.29 -18.28
C ASP A 93 8.91 -7.42 -18.43
N THR A 94 8.46 -8.09 -19.49
CA THR A 94 7.04 -8.38 -19.76
C THR A 94 6.84 -9.66 -20.55
N TYR A 95 5.64 -10.24 -20.44
CA TYR A 95 5.23 -11.26 -21.39
C TYR A 95 4.59 -10.57 -22.58
N LEU A 96 5.12 -10.89 -23.75
CA LEU A 96 4.72 -10.33 -25.04
C LEU A 96 3.23 -10.52 -25.38
N LYS A 101 -6.26 -13.41 -23.25
CA LYS A 101 -6.78 -14.63 -22.62
C LYS A 101 -6.49 -14.72 -21.12
N ARG A 102 -7.55 -14.68 -20.33
CA ARG A 102 -7.46 -14.88 -18.90
C ARG A 102 -7.14 -16.34 -18.60
N VAL A 103 -5.84 -16.66 -18.62
CA VAL A 103 -5.37 -18.06 -18.46
C VAL A 103 -5.72 -18.76 -17.12
N ASN A 104 -6.06 -17.99 -16.08
CA ASN A 104 -6.41 -18.55 -14.78
C ASN A 104 -7.90 -18.75 -14.56
N GLU A 105 -8.76 -18.14 -15.39
CA GLU A 105 -10.22 -18.19 -15.12
C GLU A 105 -10.75 -19.60 -14.89
N ASP A 106 -10.31 -20.54 -15.73
CA ASP A 106 -10.68 -21.95 -15.58
C ASP A 106 -10.25 -22.48 -14.22
N ALA A 107 -8.94 -22.53 -14.00
CA ALA A 107 -8.33 -23.02 -12.76
C ALA A 107 -9.00 -22.55 -11.47
N VAL A 108 -9.68 -21.40 -11.51
CA VAL A 108 -10.21 -20.77 -10.30
C VAL A 108 -11.72 -20.69 -10.31
N ARG A 109 -12.33 -21.32 -11.31
CA ARG A 109 -13.80 -21.42 -11.42
C ARG A 109 -14.32 -21.94 -10.07
N GLY A 110 -13.63 -22.94 -9.53
CA GLY A 110 -13.99 -23.58 -8.27
C GLY A 110 -13.70 -22.80 -7.01
N LEU A 111 -12.84 -21.78 -7.10
CA LEU A 111 -12.43 -21.02 -5.92
C LEU A 111 -13.37 -19.85 -5.65
N LYS A 112 -13.58 -19.58 -4.36
CA LYS A 112 -14.32 -18.41 -3.86
C LYS A 112 -13.58 -17.83 -2.67
N ALA A 113 -13.74 -16.52 -2.47
CA ALA A 113 -13.21 -15.80 -1.32
C ALA A 113 -13.93 -14.50 -1.18
N GLU A 114 -14.08 -14.06 0.07
CA GLU A 114 -14.50 -12.70 0.37
C GLU A 114 -13.30 -11.76 0.11
N ALA A 115 -13.59 -10.59 -0.45
CA ALA A 115 -12.54 -9.61 -0.75
C ALA A 115 -12.89 -8.15 -0.36
N PRO A 116 -13.19 -7.91 0.92
CA PRO A 116 -13.28 -6.53 1.43
C PRO A 116 -12.00 -5.72 1.11
N CYS A 117 -12.17 -4.47 0.72
CA CYS A 117 -11.13 -3.75 -0.02
C CYS A 117 -11.16 -2.24 0.24
N GLN A 118 -10.00 -1.67 0.50
CA GLN A 118 -9.83 -0.22 0.46
C GLN A 118 -8.90 0.06 -0.69
N PHE A 119 -9.37 0.83 -1.66
CA PHE A 119 -8.52 1.19 -2.77
C PHE A 119 -8.46 2.69 -2.97
N ALA A 120 -7.48 3.12 -3.74
CA ALA A 120 -7.33 4.54 -4.01
C ALA A 120 -6.67 4.66 -5.38
N LEU A 121 -7.26 5.53 -6.19
CA LEU A 121 -6.84 5.72 -7.58
C LEU A 121 -6.10 7.01 -7.70
N TYR A 122 -4.89 6.97 -8.26
CA TYR A 122 -4.08 8.18 -8.51
C TYR A 122 -3.77 8.38 -9.99
N PRO A 123 -4.61 9.17 -10.65
CA PRO A 123 -4.33 9.59 -12.02
C PRO A 123 -3.20 10.60 -11.95
N ASN A 125 -0.56 13.52 -13.22
CA ASN A 125 -0.50 14.67 -14.11
C ASN A 125 -1.83 14.88 -14.82
N GLU A 126 -2.91 14.90 -14.04
CA GLU A 126 -4.25 15.00 -14.61
C GLU A 126 -5.12 15.99 -13.83
N PRO A 127 -5.45 17.13 -14.47
CA PRO A 127 -6.24 18.18 -13.82
C PRO A 127 -7.64 17.70 -13.43
N ASP A 128 -8.25 16.83 -14.22
CA ASP A 128 -9.59 16.35 -13.87
C ASP A 128 -9.59 15.10 -12.96
N TYR A 129 -8.44 14.81 -12.33
CA TYR A 129 -8.27 13.57 -11.55
C TYR A 129 -9.35 13.29 -10.51
N GLY A 131 -12.43 14.10 -10.87
CA GLY A 131 -13.56 13.65 -11.66
C GLY A 131 -13.42 12.17 -11.95
N LEU A 132 -12.21 11.77 -12.30
CA LEU A 132 -11.91 10.35 -12.50
C LEU A 132 -12.11 9.57 -11.20
N ILE A 133 -11.76 10.16 -10.07
CA ILE A 133 -11.95 9.48 -8.80
C ILE A 133 -13.44 9.45 -8.48
N GLU A 135 -15.82 9.28 -10.87
CA GLU A 135 -16.23 8.19 -11.77
C GLU A 135 -16.06 6.79 -11.14
N ALA A 136 -14.86 6.54 -10.60
CA ALA A 136 -14.46 5.27 -9.98
C ALA A 136 -15.36 4.80 -8.85
N VAL A 137 -15.71 5.71 -7.94
CA VAL A 137 -16.70 5.42 -6.92
C VAL A 137 -18.03 5.02 -7.61
N ASP A 138 -18.42 5.73 -8.66
CA ASP A 138 -19.65 5.41 -9.40
C ASP A 138 -19.68 4.00 -10.03
N ILE A 139 -18.57 3.57 -10.65
CA ILE A 139 -18.39 2.20 -11.14
C ILE A 139 -18.61 1.19 -9.99
N ALA A 140 -17.95 1.42 -8.86
CA ALA A 140 -18.14 0.54 -7.72
C ALA A 140 -19.64 0.49 -7.32
N LYS A 141 -20.29 1.63 -7.42
CA LYS A 141 -21.72 1.74 -7.17
C LYS A 141 -22.47 0.94 -8.24
N ALA A 142 -22.17 1.22 -9.50
CA ALA A 142 -22.82 0.54 -10.64
C ALA A 142 -22.74 -1.00 -10.52
N GLN A 143 -21.64 -1.49 -9.95
CA GLN A 143 -21.39 -2.93 -9.88
C GLN A 143 -21.79 -3.50 -8.51
N GLY A 144 -22.32 -2.64 -7.65
CA GLY A 144 -22.77 -3.03 -6.32
C GLY A 144 -21.70 -3.39 -5.30
N THR A 145 -20.44 -3.03 -5.55
CA THR A 145 -19.33 -3.34 -4.61
C THR A 145 -19.01 -2.22 -3.59
N PHE A 146 -19.47 -1.00 -3.86
CA PHE A 146 -19.17 0.17 -3.01
C PHE A 146 -19.80 0.10 -1.64
N VAL A 147 -19.00 0.32 -0.62
CA VAL A 147 -19.54 0.39 0.73
C VAL A 147 -19.61 1.80 1.26
N GLN A 148 -18.47 2.49 1.14
CA GLN A 148 -18.36 3.84 1.68
C GLN A 148 -17.05 4.45 1.33
N GLY A 149 -16.97 5.75 1.55
CA GLY A 149 -15.74 6.48 1.30
C GLY A 149 -15.15 6.72 2.64
N VAL A 150 -13.83 6.63 2.72
CA VAL A 150 -13.13 6.93 3.96
C VAL A 150 -11.98 7.85 3.57
N HIS A 151 -11.39 8.50 4.56
CA HIS A 151 -10.20 9.33 4.37
C HIS A 151 -9.16 8.53 3.63
N TYR A 152 -8.80 9.03 2.45
CA TYR A 152 -7.71 8.52 1.61
C TYR A 152 -8.01 7.28 0.77
N ALA A 153 -9.22 6.74 0.89
CA ALA A 153 -9.56 5.52 0.16
C ALA A 153 -11.07 5.29 0.00
N SER A 154 -11.43 4.34 -0.85
CA SER A 154 -12.77 3.88 -0.97
C SER A 154 -12.83 2.42 -0.56
N GLU A 155 -13.94 2.06 0.04
CA GLU A 155 -14.22 0.70 0.49
C GLU A 155 -15.17 -0.01 -0.43
N LEU A 156 -14.69 -1.12 -0.99
CA LEU A 156 -15.51 -2.14 -1.65
C LEU A 156 -15.77 -3.34 -0.72
N ASP A 157 -16.77 -4.13 -1.09
CA ASP A 157 -16.99 -5.44 -0.50
C ASP A 157 -17.76 -6.35 -1.48
N GLY A 158 -17.50 -7.64 -1.38
CA GLY A 158 -18.05 -8.65 -2.25
C GLY A 158 -17.14 -9.86 -2.27
N ASP A 159 -17.48 -10.84 -3.10
CA ASP A 159 -16.57 -11.96 -3.42
C ASP A 159 -15.42 -11.41 -4.32
N ALA A 160 -14.30 -12.11 -4.31
CA ALA A 160 -13.20 -11.81 -5.22
C ALA A 160 -13.61 -11.51 -6.65
N HIS A 161 -14.57 -12.25 -7.22
CA HIS A 161 -14.98 -12.05 -8.63
C HIS A 161 -15.45 -10.61 -8.90
N ASP A 162 -16.30 -10.10 -8.02
CA ASP A 162 -16.88 -8.78 -8.24
C ASP A 162 -15.94 -7.66 -7.81
N VAL A 163 -15.25 -7.85 -6.69
CA VAL A 163 -14.30 -6.88 -6.21
C VAL A 163 -13.18 -6.67 -7.24
N PHE A 164 -12.55 -7.76 -7.69
CA PHE A 164 -11.52 -7.69 -8.76
C PHE A 164 -12.08 -7.23 -10.10
N SER A 165 -13.30 -7.61 -10.42
CA SER A 165 -13.98 -7.05 -11.59
C SER A 165 -14.07 -5.53 -11.49
N THR A 166 -14.48 -5.02 -10.33
CA THR A 166 -14.59 -3.57 -10.10
C THR A 166 -13.26 -2.84 -10.29
N LEU A 167 -12.21 -3.31 -9.60
CA LEU A 167 -10.88 -2.71 -9.67
C LEU A 167 -10.40 -2.52 -11.10
N GLU A 168 -10.57 -3.54 -11.93
CA GLU A 168 -10.04 -3.52 -13.29
C GLU A 168 -10.85 -2.56 -14.15
N ALA A 169 -12.16 -2.59 -13.91
CA ALA A 169 -13.11 -1.66 -14.45
C ALA A 169 -12.69 -0.23 -14.09
N VAL A 170 -12.49 0.05 -12.79
CA VAL A 170 -11.97 1.36 -12.40
C VAL A 170 -10.66 1.71 -13.12
N PHE A 171 -9.73 0.76 -13.12
CA PHE A 171 -8.40 0.92 -13.70
C PHE A 171 -8.44 1.19 -15.22
N ARG A 172 -9.24 0.41 -15.95
CA ARG A 172 -9.43 0.59 -17.39
C ARG A 172 -9.98 1.97 -17.68
N ALA A 174 -9.95 4.87 -15.95
CA ALA A 174 -8.97 5.90 -15.67
C ALA A 174 -7.90 5.91 -16.75
N GLU A 175 -7.29 4.76 -17.01
CA GLU A 175 -6.24 4.57 -18.04
C GLU A 175 -6.64 4.99 -19.47
N GLN A 176 -7.94 5.06 -19.75
CA GLN A 176 -8.46 5.48 -21.05
C GLN A 176 -8.45 6.98 -21.18
N GLN A 177 -8.68 7.67 -20.05
CA GLN A 177 -8.88 9.12 -20.05
C GLN A 177 -7.56 9.85 -19.78
N THR A 178 -6.66 9.21 -19.02
CA THR A 178 -5.33 9.77 -18.77
C THR A 178 -4.18 8.75 -18.85
N ASN A 179 -2.96 9.27 -18.96
CA ASN A 179 -1.79 8.50 -19.41
C ASN A 179 -1.07 7.64 -18.36
N HIS A 180 -0.78 8.23 -17.21
CA HIS A 180 -0.12 7.51 -16.14
C HIS A 180 -1.08 7.45 -14.96
N ILE A 181 -1.53 6.26 -14.61
CA ILE A 181 -2.32 6.09 -13.37
C ILE A 181 -1.67 5.09 -12.41
N THR A 182 -1.83 5.32 -11.10
CA THR A 182 -1.57 4.23 -10.14
C THR A 182 -2.80 3.99 -9.28
N THR A 184 -3.77 1.86 -5.68
CA THR A 184 -3.38 0.97 -4.61
C THR A 184 -4.59 0.15 -4.15
N VAL A 185 -4.31 -1.06 -3.61
CA VAL A 185 -5.37 -1.94 -3.12
C VAL A 185 -4.94 -2.69 -1.85
N ASN A 186 -5.90 -2.91 -0.96
CA ASN A 186 -5.66 -3.60 0.29
C ASN A 186 -6.83 -4.53 0.53
N LEU A 187 -6.62 -5.82 0.24
CA LEU A 187 -7.70 -6.82 0.22
C LEU A 187 -7.51 -7.87 1.31
N SER A 188 -8.56 -8.06 2.09
CA SER A 188 -8.48 -8.87 3.32
C SER A 188 -9.34 -10.14 3.25
N ALA A 189 -8.72 -11.30 3.40
CA ALA A 189 -9.44 -12.58 3.38
C ALA A 189 -9.37 -13.25 4.74
N ASN A 190 -10.45 -13.95 5.10
CA ASN A 190 -10.52 -14.86 6.28
C ASN A 190 -10.18 -14.25 7.66
N SER A 191 -10.51 -12.97 7.82
CA SER A 191 -10.35 -12.25 9.09
C SER A 191 -11.27 -12.83 10.21
N PRO A 192 -10.76 -12.99 11.44
CA PRO A 192 -11.54 -13.67 12.51
C PRO A 192 -12.54 -12.73 13.22
N SER A 193 -12.52 -11.47 12.77
CA SER A 193 -13.45 -10.44 13.21
C SER A 193 -14.79 -10.66 12.47
N ARG A 194 -14.70 -11.19 11.25
CA ARG A 194 -15.88 -11.59 10.45
C ARG A 194 -16.74 -12.61 11.21
N ARG B 9 -4.13 22.24 5.53
CA ARG B 9 -2.86 21.46 5.34
C ARG B 9 -2.64 20.38 6.43
N ILE B 10 -3.62 19.48 6.51
CA ILE B 10 -3.61 18.33 7.42
C ILE B 10 -2.86 17.15 6.81
N ALA B 11 -1.90 16.58 7.52
CA ALA B 11 -1.22 15.42 6.94
C ALA B 11 -2.07 14.22 7.30
N GLY B 12 -2.02 13.18 6.47
CA GLY B 12 -2.69 11.92 6.78
C GLY B 12 -1.79 10.71 6.52
N PHE B 13 -2.05 9.64 7.27
CA PHE B 13 -1.37 8.35 7.06
C PHE B 13 -2.38 7.26 7.25
N ARG B 14 -2.74 6.57 6.16
CA ARG B 14 -3.55 5.38 6.28
C ARG B 14 -2.66 4.15 6.12
N PHE B 15 -2.60 3.32 7.16
CA PHE B 15 -1.66 2.19 7.17
C PHE B 15 -2.23 0.92 7.82
N SER B 16 -1.52 -0.17 7.59
CA SER B 16 -1.87 -1.46 8.16
C SER B 16 -0.61 -2.07 8.75
N LEU B 17 -0.76 -2.73 9.90
CA LEU B 17 0.31 -3.61 10.40
C LEU B 17 -0.06 -5.07 10.18
N TYR B 18 0.97 -5.81 9.77
CA TYR B 18 0.85 -7.19 9.37
C TYR B 18 1.82 -8.01 10.19
N PRO B 19 1.36 -8.53 11.32
CA PRO B 19 2.24 -9.43 12.09
C PRO B 19 2.11 -10.86 11.55
N THR B 21 2.28 -13.89 12.28
CA THR B 21 2.25 -14.79 13.41
C THR B 21 0.80 -15.00 13.79
N ASP B 22 0.50 -16.16 14.36
CA ASP B 22 -0.84 -16.46 14.90
C ASP B 22 -1.24 -15.41 15.91
N ASP B 23 -0.24 -14.85 16.58
CA ASP B 23 -0.46 -13.80 17.58
C ASP B 23 -0.68 -12.40 17.03
N PHE B 24 -1.23 -12.33 15.81
CA PHE B 24 -1.40 -11.06 15.11
C PHE B 24 -2.29 -10.00 15.78
N ILE B 25 -3.45 -10.39 16.29
CA ILE B 25 -4.36 -9.47 16.96
C ILE B 25 -3.70 -8.65 18.06
N SER B 26 -2.92 -9.31 18.90
CA SER B 26 -2.33 -8.63 20.04
C SER B 26 -1.21 -7.68 19.59
N VAL B 27 -0.39 -8.10 18.62
CA VAL B 27 0.65 -7.23 18.09
C VAL B 27 0.04 -5.94 17.56
N ILE B 28 -0.97 -6.05 16.69
CA ILE B 28 -1.64 -4.86 16.20
C ILE B 28 -2.11 -4.03 17.39
N LYS B 29 -2.92 -4.64 18.26
CA LYS B 29 -3.60 -3.92 19.32
C LYS B 29 -2.56 -3.23 20.19
N SER B 30 -1.45 -3.91 20.39
CA SER B 30 -0.50 -3.50 21.34
C SER B 30 0.42 -2.39 20.79
N ALA B 31 0.80 -2.49 19.52
CA ALA B 31 1.56 -1.42 18.91
C ALA B 31 0.77 -0.10 18.99
N LEU B 32 -0.51 -0.13 18.63
CA LEU B 32 -1.36 1.07 18.68
C LEU B 32 -1.50 1.70 20.09
N ALA B 33 -1.70 0.84 21.09
CA ALA B 33 -1.92 1.27 22.46
C ALA B 33 -0.60 1.75 23.06
N ALA B 34 0.52 1.17 22.64
CA ALA B 34 1.81 1.55 23.21
C ALA B 34 2.26 2.97 22.80
N THR B 35 1.84 3.40 21.61
CA THR B 35 2.18 4.71 21.03
C THR B 35 1.47 5.88 21.76
N ASP B 36 2.14 7.02 21.89
CA ASP B 36 1.44 8.22 22.26
C ASP B 36 0.68 8.68 21.01
N THR B 37 -0.64 8.46 21.00
CA THR B 37 -1.46 8.86 19.85
C THR B 37 -2.30 10.07 20.16
N SER B 38 -1.97 10.80 21.24
CA SER B 38 -2.80 11.93 21.65
C SER B 38 -2.73 13.14 20.70
N LYS B 39 -1.73 13.17 19.81
CA LYS B 39 -1.50 14.32 18.96
C LYS B 39 -1.99 14.14 17.51
N VAL B 40 -2.65 13.00 17.27
CA VAL B 40 -3.22 12.72 15.96
C VAL B 40 -4.66 12.25 16.11
N TRP B 41 -5.49 12.56 15.12
CA TRP B 41 -6.82 11.97 15.11
C TRP B 41 -6.71 10.54 14.54
N THR B 42 -7.20 9.53 15.26
CA THR B 42 -7.05 8.16 14.72
C THR B 42 -8.38 7.48 14.55
N LYS B 43 -8.43 6.60 13.56
CA LYS B 43 -9.57 5.71 13.42
C LYS B 43 -9.08 4.37 12.86
N THR B 44 -9.15 3.33 13.71
CA THR B 44 -8.89 1.95 13.35
C THR B 44 -10.13 1.26 12.84
N ASP B 45 -10.00 0.50 11.76
CA ASP B 45 -11.12 -0.25 11.18
C ASP B 45 -10.64 -1.68 10.86
N HIS B 46 -11.45 -2.51 10.22
CA HIS B 46 -11.07 -3.91 10.00
C HIS B 46 -9.85 -4.10 9.10
N ILE B 47 -9.57 -3.14 8.21
CA ILE B 47 -8.48 -3.24 7.23
C ILE B 47 -7.25 -2.41 7.62
N SER B 48 -7.49 -1.27 8.27
CA SER B 48 -6.45 -0.24 8.39
C SER B 48 -6.77 0.80 9.44
N THR B 49 -5.73 1.54 9.83
CA THR B 49 -5.84 2.69 10.75
C THR B 49 -5.46 3.94 10.02
N VAL B 50 -6.10 5.05 10.36
CA VAL B 50 -5.73 6.32 9.73
C VAL B 50 -5.35 7.31 10.83
N LEU B 51 -4.22 7.99 10.61
CA LEU B 51 -3.78 9.07 11.50
C LEU B 51 -4.00 10.36 10.76
N ARG B 52 -4.52 11.39 11.44
CA ARG B 52 -4.54 12.71 10.80
C ARG B 52 -4.06 13.82 11.71
N GLY B 53 -3.22 14.70 11.18
CA GLY B 53 -2.79 15.84 11.97
C GLY B 53 -1.68 16.56 11.27
N SER B 54 -0.78 17.12 12.06
CA SER B 54 0.32 17.86 11.45
C SER B 54 1.35 16.86 10.96
N ILE B 55 2.21 17.29 10.03
CA ILE B 55 3.23 16.42 9.50
C ILE B 55 4.10 15.81 10.63
N ASP B 56 4.51 16.65 11.59
CA ASP B 56 5.37 16.24 12.71
C ASP B 56 4.74 15.08 13.48
N HIS B 57 3.46 15.23 13.77
CA HIS B 57 2.68 14.35 14.62
C HIS B 57 2.36 13.07 13.92
N VAL B 58 1.96 13.17 12.66
CA VAL B 58 1.71 12.01 11.80
C VAL B 58 2.99 11.18 11.67
N PHE B 59 4.10 11.81 11.26
CA PHE B 59 5.35 11.08 11.08
C PHE B 59 5.91 10.55 12.42
N ASP B 60 5.85 11.37 13.46
CA ASP B 60 6.19 10.96 14.79
C ASP B 60 5.39 9.70 15.29
N ALA B 61 4.09 9.67 15.06
CA ALA B 61 3.30 8.53 15.53
C ALA B 61 3.58 7.30 14.64
N ALA B 62 3.71 7.55 13.33
CA ALA B 62 4.07 6.50 12.38
C ALA B 62 5.35 5.76 12.78
N LYS B 63 6.42 6.48 13.04
CA LYS B 63 7.67 5.85 13.45
C LYS B 63 7.50 5.07 14.73
N ALA B 64 6.81 5.69 15.69
CA ALA B 64 6.56 5.07 16.98
C ALA B 64 5.85 3.71 16.85
N ILE B 65 4.66 3.72 16.26
CA ILE B 65 3.86 2.53 16.00
C ILE B 65 4.74 1.52 15.32
N TYR B 66 5.59 1.97 14.39
CA TYR B 66 6.43 1.01 13.70
C TYR B 66 7.42 0.32 14.65
N LEU B 67 8.02 1.11 15.53
CA LEU B 67 9.05 0.66 16.46
C LEU B 67 8.48 -0.21 17.57
N HIS B 68 7.29 0.11 18.06
CA HIS B 68 6.59 -0.78 18.97
C HIS B 68 6.30 -2.13 18.34
N ALA B 69 5.63 -2.12 17.18
CA ALA B 69 5.39 -3.36 16.43
C ALA B 69 6.67 -4.19 16.24
N ALA B 70 7.74 -3.56 15.72
CA ALA B 70 9.01 -4.24 15.47
C ALA B 70 9.59 -4.87 16.76
N ASN B 71 9.37 -4.19 17.88
CA ASN B 71 9.95 -4.64 19.12
C ASN B 71 9.17 -5.75 19.83
N SER B 72 7.98 -6.08 19.31
CA SER B 72 7.32 -7.37 19.57
C SER B 72 8.18 -8.58 19.19
N GLU B 73 9.21 -8.38 18.36
CA GLU B 73 10.09 -9.45 17.85
C GLU B 73 9.48 -10.34 16.72
N GLN B 74 8.19 -10.16 16.46
CA GLN B 74 7.55 -10.90 15.37
C GLN B 74 7.98 -10.29 14.05
N HIS B 75 7.86 -11.04 12.97
CA HIS B 75 8.06 -10.45 11.66
C HIS B 75 6.83 -9.59 11.35
N ILE B 76 7.03 -8.28 11.36
CA ILE B 76 5.97 -7.34 11.10
C ILE B 76 6.36 -6.53 9.89
N VAL B 77 5.32 -6.11 9.17
CA VAL B 77 5.42 -5.16 8.08
C VAL B 77 4.49 -3.98 8.43
N ASN B 79 2.65 -1.12 6.15
CA ASN B 79 2.38 -0.76 4.77
C ASN B 79 1.33 0.30 4.83
N GLY B 80 1.60 1.45 4.22
CA GLY B 80 0.62 2.51 4.19
C GLY B 80 0.87 3.65 3.20
N THR B 81 -0.02 4.63 3.25
CA THR B 81 0.01 5.78 2.37
C THR B 81 -0.03 7.08 3.17
N PHE B 82 0.98 7.90 2.97
CA PHE B 82 1.05 9.25 3.56
C PHE B 82 0.35 10.19 2.55
N SER B 83 -0.43 11.15 3.05
CA SER B 83 -1.14 12.06 2.18
C SER B 83 -1.17 13.48 2.75
N ILE B 84 -1.04 14.47 1.87
CA ILE B 84 -1.31 15.87 2.24
C ILE B 84 -1.83 16.66 1.07
N GLY B 85 -2.80 17.53 1.37
CA GLY B 85 -3.22 18.58 0.45
C GLY B 85 -4.33 18.23 -0.52
N CYS B 86 -4.93 17.06 -0.36
CA CYS B 86 -6.03 16.65 -1.25
C CYS B 86 -7.03 17.79 -1.27
N PRO B 87 -7.45 18.16 -2.48
CA PRO B 87 -8.44 19.24 -2.63
C PRO B 87 -9.74 18.82 -1.97
N GLY B 88 -10.42 19.79 -1.38
CA GLY B 88 -11.49 19.51 -0.44
C GLY B 88 -10.86 19.11 0.89
N ASP B 89 -11.26 17.94 1.39
CA ASP B 89 -10.70 17.37 2.63
C ASP B 89 -11.15 18.17 3.85
N THR B 90 -12.10 17.61 4.60
CA THR B 90 -12.64 18.24 5.81
C THR B 90 -11.56 18.93 6.66
N GLN B 91 -11.93 20.06 7.26
CA GLN B 91 -11.01 20.81 8.12
C GLN B 91 -10.93 20.17 9.49
N GLY B 92 -11.71 19.11 9.70
CA GLY B 92 -11.89 18.55 11.03
C GLY B 92 -12.25 17.09 11.16
N ASP B 93 -11.31 16.23 10.79
CA ASP B 93 -11.19 14.91 11.42
C ASP B 93 -9.73 14.89 11.88
N THR B 94 -9.41 15.82 12.77
CA THR B 94 -8.03 16.16 13.08
C THR B 94 -7.83 16.55 14.55
N TYR B 95 -6.58 16.48 14.99
CA TYR B 95 -6.16 17.16 16.19
C TYR B 95 -5.33 18.40 15.75
N LEU B 96 -5.76 19.59 16.16
CA LEU B 96 -5.05 20.83 15.84
C LEU B 96 -4.20 21.35 17.01
N SER B 97 -2.93 21.64 16.73
CA SER B 97 -1.96 22.22 17.69
C SER B 97 -1.77 21.41 19.00
N ASP B 100 3.02 21.34 18.61
CA ASP B 100 4.16 21.27 17.70
C ASP B 100 5.16 20.14 18.06
N LYS B 101 5.01 19.55 19.24
CA LYS B 101 5.98 18.60 19.77
C LYS B 101 5.84 17.14 19.30
N ARG B 102 6.99 16.54 18.99
CA ARG B 102 7.12 15.14 18.60
C ARG B 102 7.06 14.26 19.83
N VAL B 103 5.84 14.11 20.32
CA VAL B 103 5.58 13.48 21.62
C VAL B 103 6.16 12.05 21.78
N ASN B 104 6.40 11.37 20.67
CA ASN B 104 6.91 10.00 20.74
C ASN B 104 8.44 9.87 20.87
N GLU B 105 9.16 10.92 20.44
CA GLU B 105 10.65 10.96 20.42
C GLU B 105 11.32 10.31 21.64
N ASP B 106 10.93 10.76 22.83
CA ASP B 106 11.52 10.28 24.09
C ASP B 106 11.28 8.80 24.38
N ALA B 107 10.02 8.42 24.37
CA ALA B 107 9.58 7.05 24.60
C ALA B 107 10.23 6.00 23.70
N VAL B 108 10.84 6.40 22.59
CA VAL B 108 11.34 5.44 21.58
C VAL B 108 12.80 5.62 21.13
N ARG B 109 13.59 6.33 21.92
CA ARG B 109 15.00 6.53 21.54
C ARG B 109 15.91 5.39 21.99
N GLY B 110 15.41 4.56 22.92
CA GLY B 110 16.06 3.28 23.23
C GLY B 110 15.57 2.09 22.40
N LEU B 111 14.55 2.33 21.57
CA LEU B 111 14.02 1.34 20.63
C LEU B 111 14.73 1.50 19.28
N LYS B 112 15.15 0.38 18.71
CA LYS B 112 15.78 0.40 17.41
C LYS B 112 15.08 -0.61 16.53
N ALA B 113 15.31 -0.54 15.22
CA ALA B 113 14.70 -1.46 14.27
C ALA B 113 15.30 -1.30 12.91
N GLU B 114 15.31 -2.39 12.15
CA GLU B 114 15.69 -2.33 10.75
C GLU B 114 14.45 -2.01 9.97
N ALA B 115 14.59 -1.10 9.00
CA ALA B 115 13.48 -0.70 8.14
C ALA B 115 13.86 -0.78 6.67
N PRO B 116 14.13 -1.98 6.17
CA PRO B 116 14.25 -2.14 4.72
C PRO B 116 12.88 -1.74 4.14
N CYS B 117 12.89 -1.04 3.01
CA CYS B 117 11.68 -0.31 2.63
C CYS B 117 11.62 -0.18 1.12
N GLN B 118 10.42 -0.31 0.57
CA GLN B 118 10.14 0.06 -0.82
C GLN B 118 9.06 1.16 -0.79
N PHE B 119 9.31 2.27 -1.46
CA PHE B 119 8.38 3.41 -1.39
C PHE B 119 8.20 4.09 -2.72
N ALA B 120 7.10 4.81 -2.83
CA ALA B 120 6.71 5.45 -4.09
C ALA B 120 6.14 6.83 -3.78
N LEU B 121 6.61 7.85 -4.47
CA LEU B 121 6.12 9.21 -4.36
C LEU B 121 5.15 9.52 -5.50
N TYR B 122 3.94 9.95 -5.19
CA TYR B 122 2.92 10.39 -6.22
C TYR B 122 2.47 11.82 -6.04
N PRO B 123 3.21 12.74 -6.66
CA PRO B 123 2.80 14.15 -6.76
C PRO B 123 1.66 14.31 -7.76
N ASN B 125 -1.55 16.18 -9.95
CA ASN B 125 -1.87 17.41 -10.68
C ASN B 125 -0.62 18.30 -10.78
N GLU B 126 0.45 17.70 -11.32
CA GLU B 126 1.80 18.23 -11.17
C GLU B 126 2.64 17.90 -12.42
N PRO B 127 2.70 18.80 -13.40
CA PRO B 127 3.51 18.57 -14.61
C PRO B 127 4.97 18.19 -14.37
N ASP B 128 5.58 18.61 -13.26
CA ASP B 128 6.98 18.25 -13.00
C ASP B 128 7.16 17.12 -11.99
N TYR B 129 6.31 16.09 -12.06
CA TYR B 129 6.32 15.09 -11.00
C TYR B 129 7.51 14.17 -11.13
N GLY B 131 10.52 15.07 -12.00
CA GLY B 131 11.64 15.74 -11.37
C GLY B 131 11.53 15.73 -9.87
N LEU B 132 10.30 15.87 -9.37
CA LEU B 132 10.03 15.71 -7.95
C LEU B 132 10.46 14.32 -7.42
N ILE B 133 10.11 13.26 -8.15
CA ILE B 133 10.50 11.89 -7.83
C ILE B 133 12.00 11.74 -7.96
N GLU B 135 14.15 14.22 -7.60
CA GLU B 135 14.58 14.82 -6.33
C GLU B 135 14.52 13.85 -5.14
N ALA B 136 13.42 13.07 -5.06
CA ALA B 136 13.20 12.16 -3.93
C ALA B 136 14.31 11.13 -3.80
N VAL B 137 14.65 10.50 -4.93
CA VAL B 137 15.81 9.62 -5.08
C VAL B 137 17.13 10.31 -4.65
N ASP B 138 17.37 11.55 -5.08
CA ASP B 138 18.60 12.27 -4.68
C ASP B 138 18.77 12.40 -3.16
N ILE B 139 17.68 12.75 -2.46
CA ILE B 139 17.72 12.88 -1.01
C ILE B 139 18.12 11.55 -0.37
N ALA B 140 17.48 10.48 -0.83
CA ALA B 140 17.76 9.12 -0.32
C ALA B 140 19.21 8.71 -0.53
N LYS B 141 19.70 8.96 -1.76
CA LYS B 141 21.12 8.83 -2.11
C LYS B 141 21.95 9.71 -1.18
N ALA B 142 21.66 11.02 -1.14
CA ALA B 142 22.37 11.91 -0.23
C ALA B 142 22.38 11.37 1.23
N GLN B 143 21.24 10.87 1.72
CA GLN B 143 21.18 10.38 3.09
C GLN B 143 21.91 9.02 3.33
N GLY B 144 22.17 8.25 2.29
CA GLY B 144 22.81 6.95 2.43
C GLY B 144 21.85 5.79 2.66
N THR B 145 20.55 6.05 2.53
CA THR B 145 19.55 5.00 2.76
C THR B 145 19.11 4.29 1.48
N PHE B 146 19.38 4.91 0.33
CA PHE B 146 18.97 4.35 -0.96
C PHE B 146 19.73 3.05 -1.34
N VAL B 147 19.01 2.04 -1.82
CA VAL B 147 19.60 0.76 -2.20
C VAL B 147 19.53 0.60 -3.72
N GLN B 148 18.33 0.71 -4.27
CA GLN B 148 18.14 0.66 -5.73
C GLN B 148 16.74 1.07 -6.13
N GLY B 149 16.58 1.33 -7.43
CA GLY B 149 15.26 1.50 -8.00
C GLY B 149 14.77 0.18 -8.56
N VAL B 150 13.48 -0.09 -8.40
CA VAL B 150 12.84 -1.24 -9.01
C VAL B 150 11.63 -0.72 -9.78
N HIS B 151 10.94 -1.58 -10.50
CA HIS B 151 9.70 -1.18 -11.13
C HIS B 151 8.69 -0.69 -10.13
N TYR B 152 8.26 0.56 -10.31
CA TYR B 152 7.18 1.22 -9.57
C TYR B 152 7.50 1.71 -8.17
N ALA B 153 8.77 1.62 -7.76
CA ALA B 153 9.15 1.98 -6.40
C ALA B 153 10.67 2.17 -6.26
N SER B 154 11.11 2.66 -5.10
CA SER B 154 12.51 2.81 -4.76
C SER B 154 12.83 2.02 -3.50
N GLU B 155 13.98 1.36 -3.44
CA GLU B 155 14.36 0.60 -2.24
C GLU B 155 15.24 1.39 -1.29
N LEU B 156 14.83 1.42 -0.03
CA LEU B 156 15.63 1.93 1.09
C LEU B 156 16.01 0.83 2.11
N ASP B 157 17.10 1.08 2.84
CA ASP B 157 17.57 0.23 3.95
C ASP B 157 18.31 1.05 4.99
N GLY B 158 18.31 0.55 6.23
CA GLY B 158 18.75 1.34 7.37
C GLY B 158 17.93 1.05 8.63
N ASP B 159 18.30 1.70 9.75
CA ASP B 159 17.52 1.67 11.02
C ASP B 159 16.26 2.50 10.76
N ALA B 160 15.23 2.24 11.56
CA ALA B 160 13.99 3.00 11.48
C ALA B 160 14.24 4.49 11.47
N HIS B 161 15.15 4.96 12.31
CA HIS B 161 15.37 6.39 12.44
C HIS B 161 15.88 7.07 11.15
N ASP B 162 16.76 6.38 10.45
CA ASP B 162 17.33 6.90 9.23
C ASP B 162 16.36 6.75 8.09
N VAL B 163 15.66 5.63 8.03
CA VAL B 163 14.72 5.43 6.95
C VAL B 163 13.52 6.37 7.12
N PHE B 164 13.02 6.48 8.35
CA PHE B 164 11.90 7.39 8.60
C PHE B 164 12.33 8.85 8.38
N SER B 165 13.57 9.18 8.72
CA SER B 165 14.12 10.50 8.33
C SER B 165 14.01 10.73 6.82
N THR B 166 14.44 9.71 6.04
CA THR B 166 14.47 9.80 4.58
C THR B 166 13.09 9.99 3.99
N LEU B 167 12.11 9.33 4.59
CA LEU B 167 10.75 9.30 4.09
C LEU B 167 10.10 10.65 4.36
N GLU B 168 10.34 11.20 5.54
CA GLU B 168 9.83 12.52 5.89
C GLU B 168 10.46 13.65 5.06
N ALA B 169 11.77 13.57 4.83
CA ALA B 169 12.48 14.59 4.07
C ALA B 169 11.94 14.58 2.65
N VAL B 170 11.74 13.39 2.10
CA VAL B 170 11.17 13.28 0.77
C VAL B 170 9.77 13.90 0.77
N PHE B 171 8.99 13.56 1.79
CA PHE B 171 7.60 13.99 1.88
C PHE B 171 7.56 15.51 2.02
N ARG B 172 8.29 16.03 3.00
CA ARG B 172 8.43 17.48 3.16
C ARG B 172 8.92 18.22 1.91
N ALA B 174 8.61 17.46 -1.20
CA ALA B 174 7.70 17.40 -2.31
C ALA B 174 6.44 18.25 -2.09
N GLU B 175 5.98 18.31 -0.86
CA GLU B 175 4.80 19.04 -0.52
C GLU B 175 5.12 20.54 -0.47
N GLN B 176 6.39 20.86 -0.21
CA GLN B 176 6.83 22.26 -0.31
C GLN B 176 6.60 22.72 -1.76
N GLN B 177 6.65 21.78 -2.70
CA GLN B 177 6.56 22.06 -4.13
C GLN B 177 5.18 21.91 -4.76
N THR B 178 4.40 20.93 -4.29
CA THR B 178 3.11 20.59 -4.91
C THR B 178 2.02 20.56 -3.84
N ASN B 179 0.82 21.02 -4.19
CA ASN B 179 -0.32 21.04 -3.27
C ASN B 179 -0.82 19.67 -2.80
N HIS B 180 -0.87 18.69 -3.69
CA HIS B 180 -1.39 17.41 -3.26
C HIS B 180 -0.42 16.29 -3.55
N ILE B 181 0.09 15.66 -2.50
CA ILE B 181 0.99 14.53 -2.73
C ILE B 181 0.62 13.28 -1.92
N THR B 182 0.87 12.11 -2.50
CA THR B 182 0.78 10.89 -1.71
C THR B 182 2.09 10.16 -1.78
N THR B 184 3.48 6.14 -0.84
CA THR B 184 3.29 4.81 -0.24
C THR B 184 4.62 4.33 0.28
N VAL B 185 4.54 3.65 1.41
CA VAL B 185 5.68 3.03 2.05
C VAL B 185 5.31 1.57 2.40
N ASN B 186 6.29 0.69 2.30
CA ASN B 186 6.15 -0.72 2.61
C ASN B 186 7.39 -1.09 3.39
N LEU B 187 7.25 -1.16 4.73
CA LEU B 187 8.40 -1.35 5.64
C LEU B 187 8.38 -2.68 6.36
N SER B 188 9.53 -3.35 6.31
CA SER B 188 9.65 -4.72 6.81
C SER B 188 10.57 -4.78 7.99
N ALA B 189 10.11 -5.36 9.09
CA ALA B 189 10.96 -5.60 10.27
C ALA B 189 11.03 -7.09 10.59
N ASN B 190 12.16 -7.51 11.16
CA ASN B 190 12.33 -8.85 11.73
C ASN B 190 12.14 -9.97 10.72
N SER B 191 12.61 -9.74 9.50
CA SER B 191 12.67 -10.82 8.52
C SER B 191 13.97 -11.64 8.69
N PRO B 192 13.91 -12.94 8.36
CA PRO B 192 15.13 -13.75 8.19
C PRO B 192 16.11 -13.18 7.13
#